data_6BIN
#
_entry.id   6BIN
#
_cell.length_a   67.350
_cell.length_b   183.710
_cell.length_c   77.190
_cell.angle_alpha   90.000
_cell.angle_beta   90.000
_cell.angle_gamma   90.000
#
_symmetry.space_group_name_H-M   'C 2 2 21'
#
loop_
_entity.id
_entity.type
_entity.pdbx_description
1 polymer 'HLA class II histocompatibility antigen, DR alpha chain'
2 polymer 'Type II Collagen 1240Cit 1237-1249'
3 polymer 'HLA class II histocompatibility antigen, DRB1-4 beta chain'
4 branched 2-acetamido-2-deoxy-beta-D-glucopyranose-(1-4)-2-acetamido-2-deoxy-beta-D-glucopyranose
5 non-polymer 2-acetamido-2-deoxy-beta-D-glucopyranose
6 water water
#
loop_
_entity_poly.entity_id
_entity_poly.type
_entity_poly.pdbx_seq_one_letter_code
_entity_poly.pdbx_strand_id
1 'polypeptide(L)'
;IKEEHVIIQAEFYLNPDQSGEFMFDFDGDEIFHVDMAKKETVWRLEEFGRFASFEAQGALANIAVDKANLEIMTKRSNYT
PITNVPPEVTVLTNSPVELREPNVLICFIDKFTPPVVNVTWLRNGKPVTTGVSETVFLPREDHLFRKFHYLPFLPSTEDV
YDCRVEHWGLDEPLLKHWEFDTSGDDDDK
;
A
2 'polypeptide(L)' QYM(CIR)ADQAAGGLR C
3 'polypeptide(L)'
;GSGDTRPRFLEQVKHECHFFNGTERVRFLDRYFYHQEEYVRFDSDVGEYRAVTELGRPDAEYWNSQKDLLEQKRAAVDTY
CRHNYGVGESFTVQRRVYPEVTVYPAKTQPLQHHNLLVCSVNGFYPGSIEVRWFRNGQEEKTGVVSTGLIQNGDWTFQTL
VMLETVPRSGEVYTCQVEHPSLTSPLTVEWRATGGDDDDK
;
B
#
# COMPACT_ATOMS: atom_id res chain seq x y z
N GLU A 3 -3.86 7.47 16.42
CA GLU A 3 -4.70 8.23 15.49
C GLU A 3 -5.76 7.35 14.85
N GLU A 4 -6.43 7.90 13.83
CA GLU A 4 -7.42 7.15 13.07
C GLU A 4 -7.24 7.26 11.56
N HIS A 5 -6.58 8.30 11.06
CA HIS A 5 -6.35 8.45 9.64
C HIS A 5 -5.02 9.17 9.43
N VAL A 6 -4.25 8.71 8.44
CA VAL A 6 -2.94 9.28 8.13
C VAL A 6 -2.87 9.53 6.63
N ILE A 7 -2.57 10.76 6.25
CA ILE A 7 -2.32 11.13 4.87
C ILE A 7 -0.84 11.43 4.71
N ILE A 8 -0.20 10.75 3.77
CA ILE A 8 1.23 10.88 3.54
C ILE A 8 1.46 11.28 2.09
N GLN A 9 2.20 12.38 1.89
CA GLN A 9 2.67 12.79 0.57
C GLN A 9 4.08 12.24 0.42
N ALA A 10 4.22 11.17 -0.35
CA ALA A 10 5.47 10.44 -0.48
C ALA A 10 6.12 10.73 -1.83
N GLU A 11 7.39 11.09 -1.81
CA GLU A 11 8.17 11.35 -3.02
C GLU A 11 9.52 10.66 -2.91
N PHE A 12 10.08 10.32 -4.07
CA PHE A 12 11.45 9.85 -4.10
C PHE A 12 12.09 10.19 -5.44
N TYR A 13 13.42 10.29 -5.42
CA TYR A 13 14.22 10.46 -6.63
C TYR A 13 15.39 9.48 -6.55
N LEU A 14 15.74 8.90 -7.69
CA LEU A 14 16.71 7.80 -7.72
C LEU A 14 17.74 8.02 -8.82
N ASN A 15 19.02 7.97 -8.44
CA ASN A 15 20.12 8.00 -9.39
C ASN A 15 20.77 6.62 -9.47
N PRO A 16 21.37 6.28 -10.62
CA PRO A 16 21.48 7.08 -11.84
C PRO A 16 20.27 6.94 -12.76
N ASP A 17 19.23 6.27 -12.27
CA ASP A 17 18.04 6.04 -13.08
C ASP A 17 17.28 7.32 -13.39
N GLN A 18 17.50 8.38 -12.60
CA GLN A 18 16.79 9.65 -12.77
C GLN A 18 15.28 9.45 -12.72
N SER A 19 14.84 8.59 -11.82
CA SER A 19 13.42 8.27 -11.65
C SER A 19 12.86 9.04 -10.47
N GLY A 20 11.69 9.65 -10.67
CA GLY A 20 11.03 10.38 -9.60
C GLY A 20 9.56 10.02 -9.53
N GLU A 21 9.04 10.02 -8.30
CA GLU A 21 7.64 9.73 -8.07
C GLU A 21 7.07 10.67 -7.03
N PHE A 22 5.76 10.89 -7.13
CA PHE A 22 5.03 11.78 -6.23
C PHE A 22 3.63 11.21 -6.08
N MET A 23 3.24 10.87 -4.85
CA MET A 23 1.94 10.24 -4.63
C MET A 23 1.41 10.63 -3.26
N PHE A 24 0.12 10.36 -3.06
CA PHE A 24 -0.55 10.57 -1.79
C PHE A 24 -1.08 9.24 -1.28
N ASP A 25 -0.87 8.98 0.01
CA ASP A 25 -1.28 7.74 0.65
C ASP A 25 -2.28 8.04 1.75
N PHE A 26 -3.34 7.23 1.81
CA PHE A 26 -4.35 7.33 2.87
C PHE A 26 -4.52 5.95 3.49
N ASP A 27 -4.01 5.80 4.72
CA ASP A 27 -4.14 4.57 5.50
C ASP A 27 -3.60 3.34 4.75
N GLY A 28 -2.64 3.56 3.84
CA GLY A 28 -2.05 2.48 3.09
C GLY A 28 -2.53 2.34 1.66
N ASP A 29 -3.56 3.08 1.27
CA ASP A 29 -4.04 3.09 -0.10
C ASP A 29 -3.65 4.39 -0.78
N GLU A 30 -3.49 4.32 -2.10
CA GLU A 30 -3.06 5.47 -2.90
C GLU A 30 -4.27 6.30 -3.30
N ILE A 31 -4.22 7.59 -2.98
CA ILE A 31 -5.24 8.51 -3.47
C ILE A 31 -4.97 8.88 -4.92
N PHE A 32 -3.76 9.33 -5.22
CA PHE A 32 -3.36 9.66 -6.58
C PHE A 32 -1.85 9.68 -6.66
N HIS A 33 -1.35 9.74 -7.89
CA HIS A 33 0.06 10.02 -8.16
C HIS A 33 0.13 10.90 -9.39
N VAL A 34 1.30 11.51 -9.59
CA VAL A 34 1.54 12.40 -10.72
C VAL A 34 2.43 11.68 -11.72
N ASP A 35 1.97 11.61 -12.97
CA ASP A 35 2.80 11.07 -14.04
C ASP A 35 3.78 12.14 -14.49
N MET A 36 5.07 11.89 -14.31
CA MET A 36 6.07 12.90 -14.60
C MET A 36 6.18 13.19 -16.09
N ALA A 37 5.93 12.18 -16.94
CA ALA A 37 6.06 12.37 -18.38
C ALA A 37 4.93 13.23 -18.92
N LYS A 38 3.69 12.92 -18.54
CA LYS A 38 2.53 13.67 -19.01
C LYS A 38 2.19 14.87 -18.13
N LYS A 39 2.77 14.95 -16.92
CA LYS A 39 2.47 16.02 -15.98
C LYS A 39 0.99 16.06 -15.65
N GLU A 40 0.42 14.89 -15.37
CA GLU A 40 -0.99 14.73 -15.09
C GLU A 40 -1.20 14.10 -13.73
N THR A 41 -2.28 14.49 -13.06
CA THR A 41 -2.73 13.81 -11.86
C THR A 41 -3.45 12.52 -12.27
N VAL A 42 -3.09 11.42 -11.63
CA VAL A 42 -3.67 10.11 -11.94
C VAL A 42 -4.33 9.58 -10.67
N TRP A 43 -5.66 9.59 -10.66
CA TRP A 43 -6.40 9.11 -9.50
C TRP A 43 -6.52 7.59 -9.54
N ARG A 44 -6.26 6.95 -8.39
CA ARG A 44 -6.29 5.50 -8.32
C ARG A 44 -7.67 4.95 -8.69
N LEU A 45 -8.71 5.55 -8.13
CA LEU A 45 -10.08 5.30 -8.55
C LEU A 45 -10.58 6.52 -9.31
N GLU A 46 -11.11 6.29 -10.51
CA GLU A 46 -11.48 7.40 -11.39
C GLU A 46 -12.50 8.32 -10.74
N GLU A 47 -13.32 7.79 -9.83
CA GLU A 47 -14.30 8.61 -9.15
C GLU A 47 -13.66 9.68 -8.27
N PHE A 48 -12.39 9.51 -7.89
CA PHE A 48 -11.73 10.49 -7.04
C PHE A 48 -11.59 11.83 -7.75
N GLY A 49 -11.35 11.80 -9.06
CA GLY A 49 -11.13 13.03 -9.82
C GLY A 49 -12.38 13.89 -9.96
N ARG A 50 -13.56 13.34 -9.68
CA ARG A 50 -14.78 14.13 -9.77
C ARG A 50 -15.00 15.01 -8.55
N PHE A 51 -14.40 14.66 -7.41
CA PHE A 51 -14.55 15.44 -6.19
C PHE A 51 -13.33 16.32 -5.89
N ALA A 52 -12.14 15.86 -6.24
CA ALA A 52 -10.91 16.58 -5.94
C ALA A 52 -10.10 16.81 -7.21
N SER A 53 -9.18 17.76 -7.13
CA SER A 53 -8.26 18.07 -8.21
C SER A 53 -6.88 18.33 -7.64
N PHE A 54 -5.87 18.29 -8.51
CA PHE A 54 -4.50 18.55 -8.07
C PHE A 54 -3.72 19.17 -9.21
N GLU A 55 -2.98 20.23 -8.90
CA GLU A 55 -2.08 20.86 -9.87
C GLU A 55 -0.78 20.05 -9.93
N ALA A 56 -0.56 19.36 -11.05
CA ALA A 56 0.54 18.43 -11.17
C ALA A 56 1.91 19.10 -11.21
N GLN A 57 1.98 20.41 -11.42
CA GLN A 57 3.30 21.05 -11.51
C GLN A 57 3.94 21.25 -10.14
N GLY A 58 3.13 21.36 -9.10
CA GLY A 58 3.68 21.40 -7.75
C GLY A 58 4.47 20.14 -7.42
N ALA A 59 4.07 19.00 -8.00
CA ALA A 59 4.80 17.75 -7.77
C ALA A 59 6.16 17.78 -8.45
N LEU A 60 6.21 18.26 -9.69
CA LEU A 60 7.48 18.29 -10.42
C LEU A 60 8.46 19.28 -9.80
N ALA A 61 7.94 20.36 -9.22
CA ALA A 61 8.81 21.28 -8.49
C ALA A 61 9.42 20.62 -7.26
N ASN A 62 8.68 19.70 -6.64
CA ASN A 62 9.22 18.96 -5.50
C ASN A 62 10.28 17.95 -5.94
N ILE A 63 10.04 17.25 -7.05
CA ILE A 63 11.03 16.31 -7.56
C ILE A 63 12.30 17.03 -7.97
N ALA A 64 12.17 18.26 -8.48
CA ALA A 64 13.36 19.05 -8.81
C ALA A 64 14.20 19.33 -7.57
N VAL A 65 13.55 19.63 -6.44
CA VAL A 65 14.28 19.84 -5.20
C VAL A 65 14.84 18.52 -4.67
N ASP A 66 14.04 17.45 -4.75
CA ASP A 66 14.52 16.14 -4.32
C ASP A 66 15.72 15.69 -5.16
N LYS A 67 15.71 16.03 -6.45
CA LYS A 67 16.87 15.75 -7.30
C LYS A 67 18.10 16.50 -6.80
N ALA A 68 17.94 17.76 -6.41
CA ALA A 68 19.07 18.54 -5.91
C ALA A 68 19.52 18.07 -4.54
N ASN A 69 18.56 17.70 -3.67
CA ASN A 69 18.92 17.22 -2.34
C ASN A 69 19.68 15.89 -2.42
N LEU A 70 19.31 15.03 -3.37
CA LEU A 70 20.00 13.75 -3.50
C LEU A 70 21.47 13.94 -3.85
N GLU A 71 21.77 14.92 -4.71
CA GLU A 71 23.17 15.22 -5.01
C GLU A 71 23.90 15.71 -3.76
N ILE A 72 23.22 16.50 -2.93
CA ILE A 72 23.82 16.98 -1.69
C ILE A 72 24.05 15.82 -0.73
N MET A 73 23.06 14.94 -0.59
CA MET A 73 23.17 13.84 0.37
C MET A 73 24.16 12.78 -0.10
N THR A 74 24.24 12.55 -1.42
CA THR A 74 25.22 11.60 -1.93
C THR A 74 26.64 12.05 -1.61
N LYS A 75 26.93 13.33 -1.82
CA LYS A 75 28.24 13.87 -1.43
C LYS A 75 28.45 13.77 0.08
N ARG A 76 27.41 14.09 0.85
CA ARG A 76 27.56 14.12 2.30
C ARG A 76 27.84 12.74 2.88
N SER A 77 27.26 11.70 2.27
CA SER A 77 27.49 10.33 2.72
C SER A 77 28.76 9.71 2.13
N ASN A 78 29.62 10.52 1.50
CA ASN A 78 30.83 10.03 0.85
C ASN A 78 30.49 8.99 -0.22
N TYR A 79 29.40 9.22 -0.94
CA TYR A 79 28.96 8.35 -2.03
C TYR A 79 28.73 6.92 -1.56
N THR A 80 27.99 6.79 -0.46
CA THR A 80 27.63 5.48 0.08
C THR A 80 26.36 5.01 -0.62
N PRO A 81 26.41 3.95 -1.43
CA PRO A 81 25.24 3.53 -2.19
C PRO A 81 24.22 2.81 -1.31
N ILE A 82 23.07 2.54 -1.93
CA ILE A 82 21.99 1.83 -1.25
C ILE A 82 22.26 0.34 -1.28
N THR A 83 21.73 -0.39 -0.31
CA THR A 83 21.83 -1.83 -0.24
C THR A 83 20.55 -2.45 -0.78
N ASN A 84 20.69 -3.36 -1.75
CA ASN A 84 19.54 -4.01 -2.34
C ASN A 84 18.82 -4.87 -1.31
N VAL A 85 17.52 -4.66 -1.16
CA VAL A 85 16.66 -5.50 -0.33
C VAL A 85 15.71 -6.23 -1.27
N PRO A 86 15.84 -7.54 -1.43
CA PRO A 86 15.00 -8.27 -2.39
C PRO A 86 13.56 -8.33 -1.90
N PRO A 87 12.60 -8.49 -2.81
CA PRO A 87 11.19 -8.44 -2.44
C PRO A 87 10.61 -9.80 -2.05
N GLU A 88 9.54 -9.73 -1.26
CA GLU A 88 8.64 -10.86 -1.06
C GLU A 88 7.50 -10.76 -2.08
N VAL A 89 7.16 -11.89 -2.68
CA VAL A 89 6.18 -11.93 -3.76
C VAL A 89 5.06 -12.88 -3.37
N THR A 90 3.81 -12.42 -3.51
CA THR A 90 2.63 -13.23 -3.25
C THR A 90 1.68 -13.11 -4.43
N VAL A 91 1.14 -14.25 -4.86
CA VAL A 91 0.14 -14.30 -5.92
C VAL A 91 -1.18 -14.76 -5.32
N LEU A 92 -2.26 -14.05 -5.65
CA LEU A 92 -3.57 -14.39 -5.13
C LEU A 92 -4.63 -13.81 -6.07
N THR A 93 -5.87 -14.25 -5.87
CA THR A 93 -6.99 -13.82 -6.69
C THR A 93 -7.85 -12.83 -5.92
N ASN A 94 -8.55 -11.98 -6.68
CA ASN A 94 -9.39 -10.95 -6.08
C ASN A 94 -10.60 -11.54 -5.36
N SER A 95 -11.09 -12.69 -5.84
CA SER A 95 -12.30 -13.30 -5.30
C SER A 95 -12.15 -14.80 -5.39
N PRO A 96 -12.99 -15.56 -4.66
CA PRO A 96 -12.93 -17.02 -4.78
C PRO A 96 -13.11 -17.47 -6.22
N VAL A 97 -12.38 -18.51 -6.59
CA VAL A 97 -12.24 -18.92 -7.98
C VAL A 97 -13.37 -19.88 -8.34
N GLU A 98 -14.08 -19.57 -9.43
CA GLU A 98 -15.09 -20.43 -10.01
C GLU A 98 -14.77 -20.59 -11.49
N LEU A 99 -14.97 -21.80 -12.01
CA LEU A 99 -14.60 -22.09 -13.40
C LEU A 99 -15.39 -21.22 -14.37
N ARG A 100 -14.67 -20.56 -15.26
CA ARG A 100 -15.23 -19.70 -16.32
C ARG A 100 -16.00 -18.51 -15.77
N GLU A 101 -15.79 -18.17 -14.49
CA GLU A 101 -16.32 -16.93 -13.95
C GLU A 101 -15.17 -15.93 -13.81
N PRO A 102 -15.27 -14.74 -14.42
CA PRO A 102 -14.10 -13.85 -14.49
C PRO A 102 -13.54 -13.53 -13.12
N ASN A 103 -12.23 -13.33 -13.08
CA ASN A 103 -11.51 -13.07 -11.84
C ASN A 103 -10.28 -12.23 -12.17
N VAL A 104 -9.51 -11.89 -11.14
CA VAL A 104 -8.32 -11.08 -11.27
C VAL A 104 -7.18 -11.74 -10.49
N LEU A 105 -6.04 -11.91 -11.15
CA LEU A 105 -4.82 -12.36 -10.47
C LEU A 105 -4.08 -11.15 -9.93
N ILE A 106 -3.70 -11.22 -8.66
CA ILE A 106 -3.00 -10.13 -7.97
C ILE A 106 -1.61 -10.62 -7.60
N CYS A 107 -0.60 -9.88 -8.01
CA CYS A 107 0.79 -10.16 -7.66
C CYS A 107 1.27 -9.05 -6.73
N PHE A 108 1.46 -9.39 -5.46
CA PHE A 108 1.87 -8.43 -4.45
C PHE A 108 3.37 -8.52 -4.22
N ILE A 109 4.08 -7.44 -4.55
CA ILE A 109 5.52 -7.35 -4.40
C ILE A 109 5.79 -6.42 -3.22
N ASP A 110 6.52 -6.90 -2.23
CA ASP A 110 6.56 -6.24 -0.93
C ASP A 110 7.97 -6.25 -0.34
N LYS A 111 8.25 -5.21 0.45
CA LYS A 111 9.47 -5.11 1.26
C LYS A 111 10.74 -5.19 0.39
N PHE A 112 10.88 -4.18 -0.47
CA PHE A 112 12.04 -4.16 -1.35
C PHE A 112 12.50 -2.73 -1.60
N THR A 113 13.77 -2.61 -1.99
CA THR A 113 14.39 -1.36 -2.37
C THR A 113 15.69 -1.70 -3.10
N PRO A 114 16.12 -0.86 -4.06
CA PRO A 114 15.52 0.38 -4.57
C PRO A 114 14.24 0.15 -5.35
N PRO A 115 13.45 1.21 -5.58
CA PRO A 115 12.19 1.05 -6.31
C PRO A 115 12.38 0.84 -7.80
N VAL A 116 13.06 -0.25 -8.17
CA VAL A 116 13.18 -0.70 -9.56
C VAL A 116 12.88 -2.19 -9.58
N VAL A 117 12.00 -2.60 -10.49
CA VAL A 117 11.57 -4.00 -10.55
C VAL A 117 11.10 -4.30 -11.96
N ASN A 118 11.25 -5.55 -12.37
CA ASN A 118 10.75 -6.05 -13.65
C ASN A 118 9.79 -7.19 -13.37
N VAL A 119 8.52 -7.00 -13.73
CA VAL A 119 7.46 -7.95 -13.43
C VAL A 119 6.90 -8.48 -14.74
N THR A 120 6.69 -9.78 -14.79
CA THR A 120 6.12 -10.43 -15.97
C THR A 120 5.09 -11.44 -15.53
N TRP A 121 3.90 -11.33 -16.10
CA TRP A 121 2.90 -12.36 -15.94
C TRP A 121 3.13 -13.46 -16.97
N LEU A 122 3.08 -14.71 -16.52
CA LEU A 122 3.28 -15.86 -17.40
C LEU A 122 2.08 -16.79 -17.29
N ARG A 123 1.54 -17.19 -18.44
CA ARG A 123 0.49 -18.22 -18.49
C ARG A 123 1.02 -19.38 -19.34
N ASN A 124 1.10 -20.56 -18.73
CA ASN A 124 1.70 -21.73 -19.36
C ASN A 124 3.12 -21.42 -19.84
N GLY A 125 3.83 -20.61 -19.04
CA GLY A 125 5.20 -20.27 -19.33
C GLY A 125 5.41 -19.21 -20.40
N LYS A 126 4.36 -18.47 -20.78
CA LYS A 126 4.49 -17.49 -21.83
C LYS A 126 4.11 -16.10 -21.33
N PRO A 127 4.84 -15.07 -21.74
CA PRO A 127 4.52 -13.70 -21.30
C PRO A 127 3.14 -13.29 -21.76
N VAL A 128 2.35 -12.73 -20.84
CA VAL A 128 1.02 -12.24 -21.15
C VAL A 128 1.02 -10.73 -20.95
N THR A 129 0.47 -10.01 -21.94
CA THR A 129 0.37 -8.56 -21.89
C THR A 129 -1.07 -8.06 -21.91
N THR A 130 -2.00 -8.87 -22.41
CA THR A 130 -3.38 -8.43 -22.60
C THR A 130 -4.04 -8.14 -21.25
N GLY A 131 -4.52 -6.90 -21.09
CA GLY A 131 -5.35 -6.55 -19.96
C GLY A 131 -4.62 -6.33 -18.65
N VAL A 132 -3.30 -6.39 -18.63
CA VAL A 132 -2.57 -6.25 -17.38
C VAL A 132 -2.55 -4.78 -16.95
N SER A 133 -2.46 -4.57 -15.64
CA SER A 133 -2.33 -3.24 -15.08
C SER A 133 -1.47 -3.34 -13.83
N GLU A 134 -1.05 -2.17 -13.33
CA GLU A 134 -0.14 -2.14 -12.19
C GLU A 134 -0.32 -0.83 -11.45
N THR A 135 0.32 -0.76 -10.29
CA THR A 135 0.38 0.46 -9.48
C THR A 135 1.79 1.03 -9.53
N VAL A 136 1.92 2.27 -9.06
CA VAL A 136 3.24 2.87 -8.88
C VAL A 136 3.86 2.27 -7.63
N PHE A 137 5.10 2.63 -7.35
CA PHE A 137 5.77 2.14 -6.14
C PHE A 137 5.13 2.78 -4.91
N LEU A 138 4.65 1.95 -4.01
CA LEU A 138 3.94 2.46 -2.84
C LEU A 138 4.84 2.42 -1.61
N PRO A 139 4.72 3.41 -0.73
CA PRO A 139 5.65 3.49 0.41
C PRO A 139 5.24 2.60 1.57
N ARG A 140 6.25 2.16 2.31
CA ARG A 140 6.07 1.42 3.55
C ARG A 140 6.57 2.25 4.73
N GLU A 141 6.11 1.88 5.93
CA GLU A 141 6.50 2.62 7.11
C GLU A 141 7.92 2.32 7.56
N ASP A 142 8.52 1.21 7.11
CA ASP A 142 9.94 1.00 7.25
C ASP A 142 10.72 1.58 6.08
N HIS A 143 10.05 2.32 5.20
CA HIS A 143 10.65 3.09 4.11
C HIS A 143 11.23 2.20 3.02
N LEU A 144 10.76 0.97 2.92
CA LEU A 144 10.93 0.15 1.73
C LEU A 144 9.75 0.45 0.79
N PHE A 145 9.48 -0.43 -0.17
CA PHE A 145 8.43 -0.17 -1.14
C PHE A 145 7.58 -1.42 -1.35
N ARG A 146 6.38 -1.20 -1.89
CA ARG A 146 5.46 -2.27 -2.24
C ARG A 146 4.80 -1.93 -3.57
N LYS A 147 4.38 -2.96 -4.30
CA LYS A 147 3.87 -2.76 -5.65
C LYS A 147 2.81 -3.81 -5.94
N PHE A 148 1.89 -3.46 -6.84
CA PHE A 148 0.80 -4.34 -7.24
C PHE A 148 0.77 -4.49 -8.75
N HIS A 149 0.55 -5.72 -9.21
CA HIS A 149 0.35 -6.02 -10.62
C HIS A 149 -0.89 -6.89 -10.76
N TYR A 150 -1.69 -6.62 -11.79
CA TYR A 150 -3.00 -7.26 -11.96
C TYR A 150 -3.08 -7.94 -13.31
N LEU A 151 -3.87 -9.01 -13.35
CA LEU A 151 -4.13 -9.75 -14.59
C LEU A 151 -5.51 -10.35 -14.51
N PRO A 152 -6.49 -9.77 -15.21
CA PRO A 152 -7.81 -10.42 -15.30
C PRO A 152 -7.73 -11.66 -16.16
N PHE A 153 -8.43 -12.70 -15.72
CA PHE A 153 -8.35 -14.00 -16.41
C PHE A 153 -9.65 -14.76 -16.22
N LEU A 154 -9.82 -15.80 -17.03
CA LEU A 154 -10.94 -16.71 -16.92
C LEU A 154 -10.43 -18.04 -16.37
N PRO A 155 -10.87 -18.44 -15.18
CA PRO A 155 -10.35 -19.67 -14.57
C PRO A 155 -10.63 -20.89 -15.43
N SER A 156 -9.57 -21.64 -15.74
CA SER A 156 -9.68 -22.89 -16.47
C SER A 156 -8.73 -23.91 -15.83
N THR A 157 -9.12 -25.19 -15.92
CA THR A 157 -8.30 -26.25 -15.34
C THR A 157 -7.03 -26.51 -16.13
N GLU A 158 -6.91 -25.96 -17.35
CA GLU A 158 -5.76 -26.23 -18.21
C GLU A 158 -4.76 -25.08 -18.24
N ASP A 159 -4.96 -24.04 -17.45
CA ASP A 159 -4.08 -22.88 -17.46
C ASP A 159 -3.44 -22.70 -16.09
N VAL A 160 -2.11 -22.57 -16.09
CA VAL A 160 -1.36 -22.23 -14.89
C VAL A 160 -0.71 -20.86 -15.12
N TYR A 161 -0.44 -20.16 -14.02
CA TYR A 161 0.10 -18.81 -14.08
C TYR A 161 1.30 -18.68 -13.16
N ASP A 162 2.14 -17.69 -13.48
CA ASP A 162 3.29 -17.34 -12.65
C ASP A 162 3.50 -15.84 -12.71
N CYS A 163 3.86 -15.25 -11.58
CA CYS A 163 4.31 -13.87 -11.53
C CYS A 163 5.83 -13.89 -11.38
N ARG A 164 6.53 -13.46 -12.42
CA ARG A 164 7.99 -13.47 -12.44
C ARG A 164 8.49 -12.07 -12.11
N VAL A 165 9.33 -11.97 -11.07
CA VAL A 165 9.79 -10.69 -10.55
C VAL A 165 11.32 -10.69 -10.58
N GLU A 166 11.89 -9.64 -11.17
CA GLU A 166 13.34 -9.43 -11.20
C GLU A 166 13.70 -8.25 -10.31
N HIS A 167 14.80 -8.39 -9.58
CA HIS A 167 15.26 -7.33 -8.69
C HIS A 167 16.76 -7.51 -8.48
N TRP A 168 17.48 -6.39 -8.39
CA TRP A 168 18.93 -6.43 -8.25
C TRP A 168 19.37 -7.11 -6.95
N GLY A 169 18.46 -7.28 -5.98
CA GLY A 169 18.76 -8.08 -4.82
C GLY A 169 18.54 -9.56 -5.00
N LEU A 170 17.95 -9.97 -6.11
CA LEU A 170 17.71 -11.38 -6.42
C LEU A 170 18.79 -11.90 -7.36
N ASP A 171 19.31 -13.08 -7.05
CA ASP A 171 20.23 -13.74 -7.99
C ASP A 171 19.47 -14.26 -9.21
N GLU A 172 18.40 -15.00 -8.97
CA GLU A 172 17.53 -15.51 -10.03
C GLU A 172 16.16 -14.84 -9.94
N PRO A 173 15.45 -14.72 -11.06
CA PRO A 173 14.09 -14.15 -11.02
C PRO A 173 13.19 -14.99 -10.13
N LEU A 174 12.32 -14.30 -9.39
CA LEU A 174 11.42 -14.94 -8.45
C LEU A 174 10.10 -15.26 -9.15
N LEU A 175 9.75 -16.55 -9.18
CA LEU A 175 8.51 -17.02 -9.79
C LEU A 175 7.57 -17.47 -8.69
N LYS A 176 6.36 -16.91 -8.67
CA LYS A 176 5.33 -17.29 -7.72
C LYS A 176 4.15 -17.84 -8.51
N HIS A 177 3.77 -19.08 -8.21
CA HIS A 177 2.86 -19.84 -9.06
C HIS A 177 1.42 -19.72 -8.59
N TRP A 178 0.50 -19.94 -9.53
CA TRP A 178 -0.91 -20.11 -9.21
C TRP A 178 -1.53 -21.04 -10.24
N GLU A 179 -2.42 -21.91 -9.77
CA GLU A 179 -3.20 -22.76 -10.65
C GLU A 179 -4.51 -23.11 -9.96
N PHE A 180 -5.50 -23.51 -10.75
CA PHE A 180 -6.79 -23.88 -10.20
C PHE A 180 -6.71 -25.22 -9.48
N ASP A 181 -7.55 -25.38 -8.46
CA ASP A 181 -7.62 -26.63 -7.72
C ASP A 181 -8.28 -27.71 -8.56
N GLN B 1 -11.55 22.79 -4.68
CA GLN B 1 -11.39 21.44 -4.17
C GLN B 1 -10.07 20.85 -4.64
N TYR B 2 -8.99 21.60 -4.43
CA TYR B 2 -7.66 21.20 -4.84
C TYR B 2 -6.87 20.73 -3.63
N MET B 3 -6.06 19.69 -3.83
CA MET B 3 -5.16 19.21 -2.79
C MET B 3 -3.78 19.82 -2.98
N ALA B 5 -0.14 20.66 -2.21
CA ALA B 5 1.07 19.90 -1.90
C ALA B 5 1.96 20.67 -0.93
N ASP B 6 2.76 19.94 -0.16
CA ASP B 6 3.70 20.55 0.77
C ASP B 6 5.06 20.71 0.11
N GLN B 7 5.70 21.85 0.34
CA GLN B 7 6.96 22.17 -0.32
C GLN B 7 8.11 21.34 0.27
N ALA B 8 8.97 20.85 -0.62
CA ALA B 8 10.20 20.19 -0.19
C ALA B 8 11.26 21.25 0.09
N ALA B 9 11.94 21.12 1.23
CA ALA B 9 12.94 22.11 1.64
C ALA B 9 14.27 21.82 0.97
N GLY B 10 14.84 22.84 0.34
CA GLY B 10 16.11 22.67 -0.34
C GLY B 10 17.27 22.58 0.65
N GLY B 11 18.08 21.54 0.50
CA GLY B 11 19.17 21.32 1.42
C GLY B 11 20.31 22.31 1.23
N LEU B 12 21.23 22.27 2.19
CA LEU B 12 22.40 23.15 2.16
C LEU B 12 23.36 22.72 1.06
N ARG B 13 24.03 23.71 0.45
CA ARG B 13 24.88 23.55 -0.74
C ARG B 13 24.02 23.31 -1.98
N ASP C 4 21.72 -4.44 -14.29
CA ASP C 4 22.64 -3.31 -14.11
C ASP C 4 23.37 -3.43 -12.78
N THR C 5 24.69 -3.23 -12.82
CA THR C 5 25.55 -3.34 -11.65
C THR C 5 25.80 -2.01 -10.96
N ARG C 6 25.66 -0.90 -11.68
CA ARG C 6 25.99 0.41 -11.13
C ARG C 6 25.23 0.66 -9.82
N PRO C 7 25.87 1.29 -8.83
CA PRO C 7 25.19 1.52 -7.55
C PRO C 7 24.12 2.58 -7.67
N ARG C 8 23.09 2.46 -6.82
CA ARG C 8 21.98 3.38 -6.79
C ARG C 8 22.04 4.27 -5.56
N PHE C 9 21.44 5.46 -5.68
CA PHE C 9 21.37 6.42 -4.59
C PHE C 9 19.95 6.97 -4.54
N LEU C 10 19.29 6.84 -3.40
CA LEU C 10 17.87 7.12 -3.26
C LEU C 10 17.64 8.23 -2.25
N GLU C 11 16.77 9.17 -2.60
CA GLU C 11 16.31 10.23 -1.71
C GLU C 11 14.80 10.13 -1.58
N GLN C 12 14.29 10.22 -0.34
CA GLN C 12 12.87 10.16 -0.09
C GLN C 12 12.45 11.29 0.84
N VAL C 13 11.25 11.83 0.61
CA VAL C 13 10.63 12.80 1.50
C VAL C 13 9.21 12.34 1.75
N LYS C 14 8.76 12.47 3.00
CA LYS C 14 7.41 12.07 3.39
C LYS C 14 6.78 13.17 4.23
N HIS C 15 5.74 13.78 3.71
CA HIS C 15 4.96 14.80 4.42
C HIS C 15 3.74 14.10 5.00
N GLU C 16 3.71 13.96 6.32
CA GLU C 16 2.72 13.13 7.00
C GLU C 16 1.73 14.00 7.77
N CYS C 17 0.46 13.61 7.72
CA CYS C 17 -0.62 14.28 8.44
C CYS C 17 -1.35 13.24 9.28
N HIS C 18 -1.22 13.33 10.60
CA HIS C 18 -1.84 12.38 11.52
C HIS C 18 -3.03 13.07 12.19
N PHE C 19 -4.21 12.46 12.07
CA PHE C 19 -5.45 13.06 12.54
C PHE C 19 -6.02 12.26 13.71
N PHE C 20 -6.51 12.97 14.72
CA PHE C 20 -7.09 12.36 15.93
C PHE C 20 -8.49 12.91 16.14
N ASN C 21 -9.51 12.03 16.21
CA ASN C 21 -10.91 12.44 16.35
C ASN C 21 -11.20 13.49 15.28
N GLY C 22 -11.39 13.06 14.03
CA GLY C 22 -11.56 14.05 12.97
C GLY C 22 -10.32 14.93 12.84
N THR C 23 -10.54 16.23 12.71
CA THR C 23 -9.47 17.22 12.64
C THR C 23 -9.33 18.00 13.96
N GLU C 24 -9.67 17.37 15.08
CA GLU C 24 -9.55 18.05 16.36
C GLU C 24 -8.09 18.24 16.74
N ARG C 25 -7.32 17.15 16.77
CA ARG C 25 -5.88 17.19 16.99
C ARG C 25 -5.18 16.67 15.75
N VAL C 26 -4.22 17.43 15.24
CA VAL C 26 -3.52 17.09 14.02
C VAL C 26 -2.02 17.23 14.25
N ARG C 27 -1.26 16.25 13.75
CA ARG C 27 0.19 16.23 13.85
C ARG C 27 0.78 16.20 12.45
N PHE C 28 1.77 17.06 12.20
CA PHE C 28 2.40 17.16 10.90
C PHE C 28 3.88 16.83 11.00
N LEU C 29 4.34 15.93 10.14
CA LEU C 29 5.74 15.52 10.08
C LEU C 29 6.29 15.79 8.69
N ASP C 30 7.49 16.36 8.62
CA ASP C 30 8.19 16.61 7.37
C ASP C 30 9.51 15.83 7.45
N ARG C 31 9.54 14.65 6.85
CA ARG C 31 10.62 13.70 7.04
C ARG C 31 11.42 13.53 5.75
N TYR C 32 12.74 13.47 5.89
CA TYR C 32 13.67 13.35 4.76
C TYR C 32 14.54 12.12 4.96
N PHE C 33 14.74 11.36 3.87
CA PHE C 33 15.41 10.07 3.94
C PHE C 33 16.49 9.97 2.87
N TYR C 34 17.65 9.47 3.26
CA TYR C 34 18.69 9.04 2.32
C TYR C 34 18.69 7.53 2.32
N HIS C 35 18.36 6.94 1.17
CA HIS C 35 18.06 5.52 1.05
C HIS C 35 16.90 5.15 1.97
N GLN C 36 17.19 4.38 3.02
CA GLN C 36 16.18 3.92 3.96
C GLN C 36 16.27 4.62 5.31
N GLU C 37 17.15 5.62 5.43
CA GLU C 37 17.52 6.20 6.72
C GLU C 37 17.04 7.64 6.80
N GLU C 38 16.19 7.93 7.79
CA GLU C 38 15.75 9.30 8.04
C GLU C 38 16.89 10.10 8.67
N TYR C 39 17.18 11.28 8.10
CA TYR C 39 18.28 12.08 8.60
C TYR C 39 17.87 13.44 9.17
N VAL C 40 16.67 13.93 8.89
CA VAL C 40 16.18 15.15 9.50
C VAL C 40 14.66 15.16 9.38
N ARG C 41 14.00 15.80 10.35
CA ARG C 41 12.54 15.86 10.34
C ARG C 41 12.06 17.14 11.00
N PHE C 42 10.93 17.63 10.50
CA PHE C 42 10.15 18.65 11.18
C PHE C 42 8.95 17.99 11.84
N ASP C 43 8.66 18.36 13.08
CA ASP C 43 7.53 17.83 13.81
C ASP C 43 6.76 18.99 14.42
N SER C 44 5.47 19.09 14.08
CA SER C 44 4.64 20.18 14.58
C SER C 44 4.59 20.22 16.10
N ASP C 45 4.88 19.11 16.77
CA ASP C 45 4.97 19.11 18.23
C ASP C 45 6.18 19.91 18.72
N VAL C 46 7.15 20.18 17.85
CA VAL C 46 8.37 20.90 18.21
C VAL C 46 8.38 22.31 17.63
N GLY C 47 8.04 22.43 16.34
CA GLY C 47 8.06 23.72 15.67
C GLY C 47 9.36 24.03 14.95
N GLU C 48 10.31 23.11 14.94
CA GLU C 48 11.58 23.31 14.24
C GLU C 48 12.04 21.97 13.67
N TYR C 49 13.04 22.03 12.81
CA TYR C 49 13.65 20.82 12.27
C TYR C 49 14.66 20.27 13.28
N ARG C 50 14.71 18.94 13.37
CA ARG C 50 15.64 18.25 14.26
C ARG C 50 16.34 17.15 13.47
N ALA C 51 17.66 17.12 13.55
CA ALA C 51 18.42 16.09 12.87
C ALA C 51 18.19 14.73 13.52
N VAL C 52 17.77 13.74 12.71
CA VAL C 52 17.59 12.39 13.23
C VAL C 52 18.92 11.67 13.33
N THR C 53 19.78 11.83 12.33
CA THR C 53 21.15 11.33 12.36
C THR C 53 22.11 12.48 12.12
N GLU C 54 23.41 12.21 12.33
CA GLU C 54 24.42 13.23 12.11
C GLU C 54 24.47 13.68 10.66
N LEU C 55 23.95 12.88 9.73
CA LEU C 55 23.94 13.25 8.33
C LEU C 55 23.05 14.48 8.08
N GLY C 56 21.99 14.64 8.87
CA GLY C 56 21.04 15.71 8.67
C GLY C 56 21.20 16.93 9.54
N ARG C 57 22.33 17.07 10.24
CA ARG C 57 22.56 18.23 11.08
C ARG C 57 22.75 19.53 10.28
N PRO C 58 23.47 19.53 9.16
CA PRO C 58 23.55 20.78 8.38
C PRO C 58 22.19 21.27 7.91
N ASP C 59 21.30 20.37 7.51
CA ASP C 59 19.98 20.81 7.04
C ASP C 59 19.12 21.32 8.18
N ALA C 60 19.29 20.76 9.39
CA ALA C 60 18.51 21.23 10.53
C ALA C 60 18.86 22.67 10.88
N GLU C 61 20.15 22.97 10.99
CA GLU C 61 20.57 24.33 11.32
C GLU C 61 20.31 25.29 10.17
N TYR C 62 20.49 24.83 8.93
CA TYR C 62 20.24 25.70 7.78
C TYR C 62 18.76 26.06 7.67
N TRP C 63 17.88 25.06 7.81
CA TRP C 63 16.45 25.31 7.66
C TRP C 63 15.88 26.06 8.87
N ASN C 64 16.39 25.78 10.08
CA ASN C 64 15.91 26.49 11.25
C ASN C 64 16.35 27.96 11.26
N SER C 65 17.30 28.34 10.42
CA SER C 65 17.66 29.75 10.29
C SER C 65 16.75 30.52 9.35
N GLN C 66 15.89 29.82 8.60
CA GLN C 66 14.96 30.44 7.68
C GLN C 66 13.59 30.47 8.34
N LYS C 67 13.22 31.65 8.88
CA LYS C 67 11.97 31.75 9.62
C LYS C 67 10.75 31.66 8.70
N ASP C 68 10.87 32.15 7.47
CA ASP C 68 9.77 32.01 6.52
C ASP C 68 9.49 30.54 6.24
N LEU C 69 10.54 29.73 6.10
CA LEU C 69 10.33 28.29 5.94
C LEU C 69 9.73 27.68 7.19
N LEU C 70 10.19 28.08 8.37
CA LEU C 70 9.64 27.54 9.61
C LEU C 70 8.19 27.95 9.80
N GLU C 71 7.86 29.20 9.46
CA GLU C 71 6.47 29.65 9.57
C GLU C 71 5.56 28.88 8.62
N GLN C 72 6.10 28.43 7.48
CA GLN C 72 5.31 27.60 6.57
C GLN C 72 5.03 26.24 7.19
N LYS C 73 6.04 25.63 7.83
CA LYS C 73 5.87 24.29 8.39
C LYS C 73 5.01 24.31 9.64
N ARG C 74 5.05 25.39 10.42
CA ARG C 74 4.22 25.50 11.60
C ARG C 74 2.74 25.68 11.24
N ALA C 75 2.45 26.17 10.06
CA ALA C 75 1.07 26.36 9.60
C ALA C 75 0.56 25.17 8.79
N ALA C 76 1.37 24.13 8.61
CA ALA C 76 0.98 23.01 7.75
C ALA C 76 -0.21 22.25 8.31
N VAL C 77 -0.35 22.19 9.63
CA VAL C 77 -1.48 21.48 10.23
C VAL C 77 -2.80 22.11 9.83
N ASP C 78 -2.80 23.42 9.53
CA ASP C 78 -4.00 24.12 9.12
C ASP C 78 -4.12 24.18 7.59
N THR C 79 -3.10 24.72 6.93
CA THR C 79 -3.18 24.99 5.50
C THR C 79 -2.95 23.76 4.63
N TYR C 80 -2.41 22.68 5.20
CA TYR C 80 -2.06 21.50 4.42
C TYR C 80 -2.76 20.24 4.91
N CYS C 81 -2.67 19.93 6.20
CA CYS C 81 -3.29 18.72 6.72
C CYS C 81 -4.80 18.85 6.78
N ARG C 82 -5.30 19.85 7.51
CA ARG C 82 -6.75 20.02 7.64
C ARG C 82 -7.40 20.37 6.30
N HIS C 83 -6.68 21.09 5.44
CA HIS C 83 -7.20 21.39 4.11
C HIS C 83 -7.41 20.12 3.30
N ASN C 84 -6.35 19.31 3.17
CA ASN C 84 -6.45 18.09 2.37
C ASN C 84 -7.44 17.11 2.96
N TYR C 85 -7.52 17.05 4.30
CA TYR C 85 -8.54 16.23 4.94
C TYR C 85 -9.93 16.67 4.51
N GLY C 86 -10.17 17.98 4.46
CA GLY C 86 -11.47 18.48 4.05
C GLY C 86 -11.78 18.22 2.60
N VAL C 87 -10.76 18.17 1.74
CA VAL C 87 -11.00 17.94 0.33
C VAL C 87 -11.33 16.48 0.06
N GLY C 88 -10.73 15.56 0.81
CA GLY C 88 -10.87 14.15 0.49
C GLY C 88 -11.70 13.31 1.43
N GLU C 89 -12.21 13.91 2.51
CA GLU C 89 -12.92 13.14 3.53
C GLU C 89 -14.17 12.45 2.99
N SER C 90 -14.77 12.96 1.92
CA SER C 90 -16.00 12.37 1.41
C SER C 90 -15.77 11.02 0.77
N PHE C 91 -14.60 10.80 0.15
CA PHE C 91 -14.30 9.55 -0.53
C PHE C 91 -13.16 8.78 0.12
N THR C 92 -12.65 9.24 1.26
CA THR C 92 -11.60 8.52 1.99
C THR C 92 -12.04 8.23 3.41
N VAL C 93 -12.21 9.24 4.25
CA VAL C 93 -12.60 9.02 5.64
C VAL C 93 -13.96 8.35 5.72
N GLN C 94 -14.87 8.69 4.81
CA GLN C 94 -16.24 8.21 4.84
C GLN C 94 -16.50 7.09 3.83
N ARG C 95 -15.46 6.53 3.22
CA ARG C 95 -15.64 5.43 2.29
C ARG C 95 -16.10 4.19 3.03
N ARG C 96 -17.18 3.57 2.55
CA ARG C 96 -17.76 2.39 3.18
C ARG C 96 -18.15 1.40 2.10
N VAL C 97 -17.53 0.22 2.11
CA VAL C 97 -17.87 -0.85 1.19
C VAL C 97 -18.14 -2.11 2.02
N TYR C 98 -19.34 -2.70 1.85
CA TYR C 98 -19.56 -3.87 2.68
C TYR C 98 -19.06 -5.13 1.97
N PRO C 99 -18.66 -6.14 2.73
CA PRO C 99 -18.00 -7.31 2.13
C PRO C 99 -18.98 -8.32 1.57
N GLU C 100 -18.46 -9.13 0.63
CA GLU C 100 -19.15 -10.30 0.12
C GLU C 100 -18.57 -11.53 0.80
N VAL C 101 -19.44 -12.35 1.39
CA VAL C 101 -19.03 -13.47 2.24
C VAL C 101 -19.37 -14.77 1.54
N THR C 102 -18.35 -15.60 1.32
CA THR C 102 -18.49 -16.91 0.70
C THR C 102 -17.89 -17.96 1.62
N VAL C 103 -18.59 -19.08 1.78
CA VAL C 103 -18.13 -20.20 2.60
C VAL C 103 -17.99 -21.43 1.72
N TYR C 104 -16.80 -22.05 1.75
CA TYR C 104 -16.55 -23.27 0.99
C TYR C 104 -15.61 -24.19 1.77
N PRO C 105 -15.83 -25.50 1.68
CA PRO C 105 -14.96 -26.44 2.40
C PRO C 105 -13.66 -26.68 1.66
N ALA C 106 -12.67 -27.16 2.42
CA ALA C 106 -11.34 -27.42 1.89
C ALA C 106 -10.72 -28.57 2.67
N LYS C 107 -9.44 -28.84 2.42
CA LYS C 107 -8.71 -29.91 3.07
C LYS C 107 -7.37 -29.39 3.56
N THR C 108 -7.01 -29.75 4.81
CA THR C 108 -5.69 -29.42 5.31
C THR C 108 -4.62 -30.28 4.64
N GLN C 109 -4.89 -31.56 4.48
CA GLN C 109 -3.98 -32.53 3.90
C GLN C 109 -4.78 -33.40 2.94
N PRO C 110 -4.10 -34.13 2.03
CA PRO C 110 -4.84 -34.95 1.06
C PRO C 110 -5.66 -36.04 1.71
N LEU C 111 -6.86 -35.70 2.18
CA LEU C 111 -7.71 -36.62 2.90
C LEU C 111 -8.95 -36.95 2.07
N GLN C 112 -9.74 -37.90 2.58
CA GLN C 112 -10.98 -38.28 1.91
C GLN C 112 -12.05 -37.21 2.13
N HIS C 113 -12.34 -36.91 3.39
CA HIS C 113 -13.35 -35.92 3.73
C HIS C 113 -12.71 -34.54 3.91
N HIS C 114 -13.54 -33.51 3.78
CA HIS C 114 -13.10 -32.15 4.05
C HIS C 114 -13.00 -31.91 5.55
N ASN C 115 -11.93 -31.22 5.97
CA ASN C 115 -11.73 -30.90 7.37
C ASN C 115 -11.39 -29.43 7.54
N LEU C 116 -11.87 -28.58 6.63
CA LEU C 116 -11.50 -27.17 6.63
C LEU C 116 -12.64 -26.37 6.02
N LEU C 117 -13.23 -25.46 6.81
CA LEU C 117 -14.28 -24.58 6.35
C LEU C 117 -13.70 -23.18 6.17
N VAL C 118 -13.71 -22.69 4.94
CA VAL C 118 -13.15 -21.39 4.60
C VAL C 118 -14.28 -20.35 4.58
N CYS C 119 -14.05 -19.20 5.18
CA CYS C 119 -14.97 -18.07 5.12
C CYS C 119 -14.27 -16.95 4.34
N SER C 120 -14.60 -16.84 3.06
CA SER C 120 -14.00 -15.82 2.21
C SER C 120 -14.77 -14.51 2.36
N VAL C 121 -14.08 -13.47 2.81
CA VAL C 121 -14.66 -12.15 3.02
C VAL C 121 -13.90 -11.20 2.10
N ASN C 122 -14.58 -10.72 1.05
CA ASN C 122 -13.90 -10.05 -0.05
C ASN C 122 -14.45 -8.65 -0.28
N GLY C 123 -13.55 -7.73 -0.64
CA GLY C 123 -13.92 -6.47 -1.23
C GLY C 123 -14.39 -5.39 -0.28
N PHE C 124 -14.11 -5.51 1.02
CA PHE C 124 -14.62 -4.54 1.98
C PHE C 124 -13.64 -3.40 2.20
N TYR C 125 -14.17 -2.29 2.73
CA TYR C 125 -13.37 -1.14 3.14
C TYR C 125 -14.15 -0.38 4.21
N PRO C 126 -13.48 0.07 5.27
CA PRO C 126 -12.03 -0.04 5.56
C PRO C 126 -11.58 -1.42 6.01
N GLY C 127 -10.35 -1.49 6.55
CA GLY C 127 -9.74 -2.78 6.81
C GLY C 127 -10.18 -3.43 8.11
N SER C 128 -10.60 -2.64 9.09
CA SER C 128 -11.00 -3.20 10.38
C SER C 128 -12.21 -4.10 10.20
N ILE C 129 -12.12 -5.31 10.74
CA ILE C 129 -13.16 -6.32 10.56
C ILE C 129 -12.99 -7.39 11.63
N GLU C 130 -14.10 -8.04 11.98
CA GLU C 130 -14.12 -9.09 12.98
C GLU C 130 -14.91 -10.27 12.43
N VAL C 131 -14.25 -11.40 12.22
CA VAL C 131 -14.85 -12.58 11.63
C VAL C 131 -14.83 -13.70 12.66
N ARG C 132 -15.97 -14.38 12.84
CA ARG C 132 -16.12 -15.41 13.85
C ARG C 132 -16.80 -16.64 13.26
N TRP C 133 -16.50 -17.80 13.83
CA TRP C 133 -17.11 -19.07 13.44
C TRP C 133 -18.02 -19.56 14.57
N PHE C 134 -19.15 -20.13 14.19
CA PHE C 134 -20.11 -20.70 15.14
C PHE C 134 -20.52 -22.08 14.65
N ARG C 135 -20.53 -23.05 15.57
CA ARG C 135 -21.07 -24.39 15.30
C ARG C 135 -22.40 -24.51 16.02
N ASN C 136 -23.50 -24.42 15.27
CA ASN C 136 -24.85 -24.48 15.81
C ASN C 136 -25.06 -23.45 16.91
N GLY C 137 -24.78 -22.19 16.57
CA GLY C 137 -25.01 -21.09 17.47
C GLY C 137 -24.01 -20.91 18.59
N GLN C 138 -23.01 -21.78 18.70
CA GLN C 138 -21.98 -21.67 19.72
C GLN C 138 -20.66 -21.32 19.05
N GLU C 139 -20.03 -20.25 19.51
CA GLU C 139 -18.80 -19.76 18.88
C GLU C 139 -17.67 -20.76 19.09
N GLU C 140 -16.93 -21.04 18.01
CA GLU C 140 -15.76 -21.92 18.06
C GLU C 140 -14.52 -21.05 17.90
N LYS C 141 -13.80 -20.85 19.01
CA LYS C 141 -12.56 -20.09 18.99
C LYS C 141 -11.33 -20.95 18.80
N THR C 142 -11.48 -22.28 18.81
CA THR C 142 -10.38 -23.20 18.67
C THR C 142 -10.25 -23.64 17.22
N GLY C 143 -9.01 -23.72 16.73
CA GLY C 143 -8.76 -24.19 15.38
C GLY C 143 -9.17 -23.20 14.31
N VAL C 144 -8.95 -21.91 14.52
CA VAL C 144 -9.24 -20.87 13.54
C VAL C 144 -7.91 -20.33 13.03
N VAL C 145 -7.71 -20.46 11.71
CA VAL C 145 -6.52 -19.94 11.04
C VAL C 145 -7.00 -18.92 10.00
N SER C 146 -6.30 -17.79 9.93
CA SER C 146 -6.64 -16.74 8.98
C SER C 146 -5.43 -16.36 8.15
N THR C 147 -5.69 -15.85 6.96
CA THR C 147 -4.63 -15.32 6.11
C THR C 147 -4.21 -13.91 6.52
N GLY C 148 -4.83 -13.34 7.55
CA GLY C 148 -4.61 -11.96 7.89
C GLY C 148 -5.44 -11.03 7.03
N LEU C 149 -5.21 -9.74 7.23
CA LEU C 149 -5.87 -8.72 6.42
C LEU C 149 -5.06 -8.50 5.16
N ILE C 150 -5.65 -8.84 4.01
CA ILE C 150 -4.99 -8.70 2.71
C ILE C 150 -5.42 -7.39 2.09
N GLN C 151 -4.45 -6.59 1.66
CA GLN C 151 -4.70 -5.31 1.00
C GLN C 151 -4.63 -5.54 -0.51
N ASN C 152 -5.77 -5.43 -1.18
CA ASN C 152 -5.82 -5.66 -2.62
C ASN C 152 -5.20 -4.53 -3.43
N GLY C 153 -4.87 -3.40 -2.81
CA GLY C 153 -4.26 -2.28 -3.50
C GLY C 153 -5.21 -1.44 -4.32
N ASP C 154 -6.52 -1.70 -4.26
CA ASP C 154 -7.51 -0.95 -5.02
C ASP C 154 -8.62 -0.43 -4.11
N TRP C 155 -8.24 -0.03 -2.89
CA TRP C 155 -9.17 0.48 -1.89
C TRP C 155 -10.18 -0.57 -1.46
N THR C 156 -9.81 -1.85 -1.56
CA THR C 156 -10.60 -2.94 -1.04
C THR C 156 -9.69 -3.91 -0.29
N PHE C 157 -10.25 -4.56 0.72
CA PHE C 157 -9.54 -5.57 1.50
C PHE C 157 -10.20 -6.93 1.31
N GLN C 158 -9.54 -7.96 1.83
CA GLN C 158 -10.10 -9.30 1.86
C GLN C 158 -9.36 -10.11 2.91
N THR C 159 -10.01 -11.19 3.35
CA THR C 159 -9.41 -12.08 4.32
C THR C 159 -10.11 -13.44 4.25
N LEU C 160 -9.34 -14.50 4.42
CA LEU C 160 -9.86 -15.86 4.57
C LEU C 160 -9.71 -16.27 6.02
N VAL C 161 -10.80 -16.74 6.61
CA VAL C 161 -10.81 -17.23 7.99
C VAL C 161 -11.28 -18.68 7.95
N MET C 162 -10.36 -19.59 8.24
CA MET C 162 -10.60 -21.02 8.09
C MET C 162 -10.78 -21.68 9.45
N LEU C 163 -11.70 -22.65 9.51
CA LEU C 163 -11.98 -23.42 10.71
C LEU C 163 -11.58 -24.87 10.47
N GLU C 164 -10.75 -25.40 11.37
CA GLU C 164 -10.34 -26.81 11.32
C GLU C 164 -11.34 -27.63 12.12
N THR C 165 -12.16 -28.41 11.41
CA THR C 165 -13.22 -29.16 12.06
C THR C 165 -13.60 -30.35 11.17
N VAL C 166 -14.17 -31.37 11.80
CA VAL C 166 -14.73 -32.52 11.08
C VAL C 166 -16.24 -32.36 11.07
N PRO C 167 -16.86 -32.15 9.91
CA PRO C 167 -18.31 -31.90 9.89
C PRO C 167 -19.11 -33.16 10.13
N ARG C 168 -20.24 -33.01 10.82
CA ARG C 168 -21.19 -34.09 11.03
C ARG C 168 -22.43 -33.87 10.18
N SER C 169 -23.22 -34.94 10.09
CA SER C 169 -24.55 -34.83 9.52
C SER C 169 -25.43 -33.95 10.38
N GLY C 170 -26.17 -33.06 9.74
CA GLY C 170 -27.04 -32.16 10.47
C GLY C 170 -26.35 -31.05 11.23
N GLU C 171 -25.03 -30.90 11.08
CA GLU C 171 -24.32 -29.82 11.72
C GLU C 171 -24.41 -28.55 10.88
N VAL C 172 -24.71 -27.43 11.51
CA VAL C 172 -24.81 -26.14 10.84
C VAL C 172 -23.73 -25.22 11.39
N TYR C 173 -22.79 -24.85 10.52
CA TYR C 173 -21.79 -23.84 10.83
C TYR C 173 -22.20 -22.51 10.21
N THR C 174 -21.85 -21.42 10.87
CA THR C 174 -22.12 -20.09 10.33
C THR C 174 -20.93 -19.18 10.60
N CYS C 175 -20.60 -18.36 9.61
CA CYS C 175 -19.52 -17.40 9.70
C CYS C 175 -20.12 -16.01 9.90
N GLN C 176 -19.71 -15.33 10.96
CA GLN C 176 -20.25 -14.03 11.34
C GLN C 176 -19.22 -12.94 11.04
N VAL C 177 -19.68 -11.86 10.41
CA VAL C 177 -18.81 -10.78 9.97
C VAL C 177 -19.34 -9.47 10.52
N GLU C 178 -18.49 -8.73 11.22
CA GLU C 178 -18.80 -7.39 11.71
C GLU C 178 -17.86 -6.39 11.05
N HIS C 179 -18.42 -5.26 10.62
CA HIS C 179 -17.68 -4.30 9.81
C HIS C 179 -18.36 -2.94 9.91
N PRO C 180 -17.59 -1.85 9.89
CA PRO C 180 -18.21 -0.52 10.01
C PRO C 180 -19.21 -0.19 8.91
N SER C 181 -19.17 -0.90 7.78
CA SER C 181 -20.17 -0.70 6.74
C SER C 181 -21.50 -1.36 7.05
N LEU C 182 -21.54 -2.27 8.03
CA LEU C 182 -22.74 -2.99 8.39
C LEU C 182 -23.35 -2.43 9.66
N THR C 183 -24.68 -2.47 9.75
CA THR C 183 -25.39 -2.13 10.97
C THR C 183 -25.75 -3.34 11.81
N SER C 184 -25.67 -4.54 11.23
CA SER C 184 -25.93 -5.80 11.93
C SER C 184 -24.99 -6.85 11.37
N PRO C 185 -24.65 -7.88 12.15
CA PRO C 185 -23.63 -8.84 11.70
C PRO C 185 -24.09 -9.61 10.47
N LEU C 186 -23.21 -9.69 9.48
CA LEU C 186 -23.45 -10.51 8.30
C LEU C 186 -23.14 -11.96 8.62
N THR C 187 -24.06 -12.87 8.24
CA THR C 187 -23.89 -14.29 8.52
C THR C 187 -24.15 -15.11 7.26
N VAL C 188 -23.34 -16.14 7.07
CA VAL C 188 -23.53 -17.13 6.01
C VAL C 188 -23.38 -18.51 6.64
N GLU C 189 -24.31 -19.41 6.32
CA GLU C 189 -24.35 -20.72 6.95
C GLU C 189 -23.87 -21.79 5.97
N TRP C 190 -23.42 -22.92 6.55
CA TRP C 190 -22.92 -24.05 5.79
C TRP C 190 -23.26 -25.33 6.54
N ARG C 191 -23.83 -26.30 5.82
CA ARG C 191 -24.19 -27.58 6.40
C ARG C 191 -23.70 -28.71 5.50
N ALA C 192 -23.53 -29.88 6.09
CA ALA C 192 -23.08 -31.05 5.36
C ALA C 192 -24.24 -31.97 5.02
#